data_5MXA
#
_entry.id   5MXA
#
_cell.length_a   109.849
_cell.length_b   109.849
_cell.length_c   87.735
_cell.angle_alpha   90.00
_cell.angle_beta   90.00
_cell.angle_gamma   120.00
#
_symmetry.space_group_name_H-M   'P 61'
#
loop_
_entity.id
_entity.type
_entity.pdbx_description
1 polymer 'Interleukin-23 subunit alpha'
2 polymer 'Interleukin-12 subunit beta'
3 branched alpha-D-mannopyranose-(1-3)-beta-D-mannopyranose-(1-4)-2-acetamido-2-deoxy-beta-D-glucopyranose-(1-4)-2-acetamido-2-deoxy-beta-D-glucopyranose
4 water water
#
loop_
_entity_poly.entity_id
_entity_poly.type
_entity_poly.pdbx_seq_one_letter_code
_entity_poly.pdbx_strand_id
1 'polypeptide(L)'
;MLGSRAVMLLLLLPWTAQGRAVPGGSSPAWTQCQQLSQKLCTLAWSAHPLVGHMDLREEGDEETTNDVPHIQCGDGCDPQ
GLRDNSQFCLQRIHQGLIFYEKLLGSDIFTGEPSLLPDSPVGQLHASLLGLSQLLQPEGHHWETQQIPSLSPSQPWQRLL
LRFKILRSLQAFVAVAARVFAHGAATLSPGTKHHHHHH
;
B
2 'polypeptide(L)'
;MCHQQLVISWFSLVFLASPLVAIWELKKDVYVVELDWYPDAPGEMVVLTCDTPEEDGITWTLDQSSEVLGSGKTLTIQVK
EFGDAGQYTCHKGGEVLSHSLLLLHKKEDGIWSTDILKDQKEPKNKTFLRCEAKNYSGRFTCWWLTTISTDLTFSVKSSR
GSSDPQGVTCGAATLSAERVRGDNKEYEYSVECQEDSACPAAEESLPIEVMVDAVHKLKYENYTSSFFIRDIIKPDPPKN
LQLKPLKNSRQVEVSWEYPDTWSTPHSYFSLTFCVQVQGKSKREKKDRVFTDKTSATVICRKNASISVRAQDRYYSSSWS
EWASVPCS
;
A
#
# COMPACT_ATOMS: atom_id res chain seq x y z
N SER A 27 3.30 25.14 27.92
CA SER A 27 4.66 25.62 27.82
C SER A 27 5.33 25.31 26.48
N PRO A 28 4.88 24.28 25.78
CA PRO A 28 5.50 24.04 24.50
C PRO A 28 5.44 25.03 23.37
N ALA A 29 4.47 25.91 23.22
CA ALA A 29 4.30 26.89 22.10
C ALA A 29 3.89 26.13 20.90
N TRP A 30 2.68 25.70 21.01
CA TRP A 30 2.13 24.77 20.03
C TRP A 30 1.96 25.40 18.65
N THR A 31 1.45 26.63 18.59
CA THR A 31 1.07 27.20 17.31
C THR A 31 2.29 27.57 16.47
N GLN A 32 3.42 27.94 17.10
CA GLN A 32 4.65 28.13 16.33
C GLN A 32 5.12 26.81 15.76
N CYS A 33 5.16 25.76 16.57
CA CYS A 33 5.52 24.43 16.09
C CYS A 33 4.60 23.99 14.97
N GLN A 34 3.31 24.24 15.14
CA GLN A 34 2.32 23.89 14.11
C GLN A 34 2.67 24.54 12.78
N GLN A 35 3.07 25.81 12.81
CA GLN A 35 3.43 26.51 11.57
C GLN A 35 4.73 25.97 10.98
N LEU A 36 5.75 25.75 11.81
CA LEU A 36 7.02 25.26 11.30
C LEU A 36 6.88 23.86 10.72
N SER A 37 6.09 22.99 11.35
CA SER A 37 5.89 21.65 10.81
C SER A 37 5.04 21.69 9.55
N GLN A 38 4.14 22.68 9.42
CA GLN A 38 3.41 22.88 8.18
C GLN A 38 4.36 23.30 7.07
N LYS A 39 5.26 24.24 7.38
CA LYS A 39 6.26 24.68 6.42
C LYS A 39 7.16 23.53 5.99
N LEU A 40 7.38 22.55 6.87
CA LEU A 40 8.19 21.38 6.51
C LEU A 40 7.42 20.42 5.61
N CYS A 41 6.13 20.22 5.88
CA CYS A 41 5.32 19.40 4.99
C CYS A 41 5.33 19.97 3.58
N THR A 42 5.25 21.29 3.44
CA THR A 42 5.19 21.91 2.13
C THR A 42 6.53 21.77 1.39
N LEU A 43 7.63 22.11 2.06
CA LEU A 43 8.94 22.05 1.41
C LEU A 43 9.32 20.62 1.06
N ALA A 44 9.03 19.67 1.95
CA ALA A 44 9.44 18.29 1.71
C ALA A 44 8.73 17.69 0.51
N TRP A 45 7.50 18.12 0.24
CA TRP A 45 6.77 17.60 -0.91
C TRP A 45 7.12 18.33 -2.21
N SER A 46 7.89 19.41 -2.14
CA SER A 46 8.37 20.10 -3.33
C SER A 46 9.68 19.53 -3.86
N ALA A 47 10.28 18.56 -3.16
CA ALA A 47 11.55 17.99 -3.58
C ALA A 47 11.35 17.02 -4.74
N HIS A 48 12.32 16.98 -5.65
CA HIS A 48 12.35 15.99 -6.71
C HIS A 48 13.76 15.84 -7.27
N PRO A 49 14.65 15.14 -6.55
CA PRO A 49 16.03 15.00 -7.03
C PRO A 49 16.21 13.96 -8.15
N LEU A 50 15.27 13.04 -8.34
CA LEU A 50 15.40 12.02 -9.38
C LEU A 50 14.88 12.60 -10.69
N VAL A 51 15.80 13.02 -11.56
CA VAL A 51 15.46 13.55 -12.87
C VAL A 51 15.22 12.41 -13.84
N THR A 64 13.08 0.78 0.12
CA THR A 64 12.65 1.34 1.40
C THR A 64 13.81 1.95 2.11
N THR A 65 13.49 2.79 3.08
CA THR A 65 14.47 3.54 3.82
C THR A 65 14.82 2.91 5.14
N ASN A 66 15.86 2.12 5.10
CA ASN A 66 16.33 1.34 6.24
C ASN A 66 16.91 1.98 7.50
N ASP A 67 17.70 3.02 7.31
CA ASP A 67 18.45 3.66 8.35
C ASP A 67 17.94 4.80 9.20
N VAL A 68 16.81 5.39 8.93
CA VAL A 68 16.40 6.55 9.68
C VAL A 68 15.51 6.39 10.85
N PRO A 69 15.21 7.47 11.54
CA PRO A 69 14.29 7.32 12.67
C PRO A 69 12.84 7.43 12.26
N HIS A 70 11.97 6.99 13.17
CA HIS A 70 10.54 6.96 12.94
C HIS A 70 9.82 7.22 14.26
N ILE A 71 8.68 7.90 14.16
CA ILE A 71 7.83 8.12 15.34
C ILE A 71 7.00 6.87 15.53
N GLN A 72 7.52 5.94 16.34
CA GLN A 72 6.97 4.60 16.47
C GLN A 72 5.77 4.57 17.43
N CYS A 73 5.14 3.40 17.50
CA CYS A 73 3.99 3.22 18.38
C CYS A 73 4.38 3.45 19.84
N GLY A 74 5.53 2.92 20.26
CA GLY A 74 5.98 3.08 21.63
C GLY A 74 6.45 4.48 21.98
N ASP A 75 6.53 5.39 21.01
CA ASP A 75 6.98 6.75 21.29
C ASP A 75 5.90 7.62 21.91
N GLY A 76 4.65 7.15 21.95
CA GLY A 76 3.60 7.85 22.67
C GLY A 76 3.12 9.13 22.04
N CYS A 77 3.21 9.24 20.71
CA CYS A 77 2.78 10.44 20.00
C CYS A 77 1.38 10.29 19.41
N ASP A 78 0.60 9.32 19.88
CA ASP A 78 -0.80 9.25 19.52
C ASP A 78 -1.60 10.23 20.38
N PRO A 79 -2.84 10.54 20.01
CA PRO A 79 -3.61 11.54 20.77
C PRO A 79 -3.66 11.28 22.27
N GLN A 80 -3.93 10.05 22.69
CA GLN A 80 -4.03 9.77 24.12
C GLN A 80 -2.65 9.88 24.79
N GLY A 81 -1.60 9.44 24.10
CA GLY A 81 -0.27 9.53 24.66
C GLY A 81 0.17 10.97 24.89
N LEU A 82 -0.30 11.89 24.04
CA LEU A 82 0.02 13.30 24.23
C LEU A 82 -0.66 13.84 25.48
N ARG A 83 -1.95 13.52 25.66
CA ARG A 83 -2.65 13.95 26.87
C ARG A 83 -1.92 13.51 28.13
N ASP A 84 -1.39 12.29 28.12
CA ASP A 84 -0.85 11.69 29.34
C ASP A 84 0.62 12.03 29.58
N ASN A 85 1.40 12.23 28.52
CA ASN A 85 2.83 12.45 28.68
C ASN A 85 3.39 13.12 27.44
N SER A 86 3.06 14.41 27.24
CA SER A 86 3.47 15.10 26.03
C SER A 86 4.99 15.27 25.95
N GLN A 87 5.67 15.41 27.10
CA GLN A 87 7.11 15.57 27.10
C GLN A 87 7.80 14.35 26.47
N PHE A 88 7.34 13.15 26.81
CA PHE A 88 7.95 11.94 26.28
C PHE A 88 7.88 11.89 24.75
N CYS A 89 6.71 12.22 24.19
CA CYS A 89 6.58 12.27 22.74
C CYS A 89 7.49 13.33 22.13
N LEU A 90 7.41 14.56 22.63
CA LEU A 90 8.15 15.65 22.02
C LEU A 90 9.65 15.47 22.13
N GLN A 91 10.13 14.71 23.13
CA GLN A 91 11.54 14.40 23.20
C GLN A 91 11.96 13.50 22.05
N ARG A 92 11.09 12.58 21.64
CA ARG A 92 11.42 11.67 20.55
C ARG A 92 11.25 12.34 19.19
N ILE A 93 10.39 13.34 19.09
CA ILE A 93 10.34 14.15 17.88
C ILE A 93 11.61 14.99 17.75
N HIS A 94 12.03 15.60 18.86
CA HIS A 94 13.27 16.39 18.85
C HIS A 94 14.46 15.54 18.41
N GLN A 95 14.57 14.34 18.96
CA GLN A 95 15.65 13.44 18.59
C GLN A 95 15.67 13.20 17.09
N GLY A 96 14.51 12.88 16.51
CA GLY A 96 14.44 12.63 15.08
C GLY A 96 14.73 13.87 14.25
N LEU A 97 14.28 15.04 14.72
CA LEU A 97 14.58 16.28 14.00
C LEU A 97 16.08 16.54 13.96
N ILE A 98 16.76 16.39 15.10
CA ILE A 98 18.21 16.54 15.13
C ILE A 98 18.87 15.57 14.15
N PHE A 99 18.39 14.33 14.13
CA PHE A 99 18.95 13.34 13.20
C PHE A 99 18.80 13.79 11.76
N TYR A 100 17.63 14.30 11.40
CA TYR A 100 17.40 14.74 10.02
C TYR A 100 18.21 16.00 9.69
N GLU A 101 18.43 16.89 10.67
CA GLU A 101 19.29 18.03 10.43
C GLU A 101 20.71 17.60 10.08
N LYS A 102 21.27 16.79 10.94
CA LYS A 102 22.58 16.33 10.72
C LYS A 102 22.64 15.57 9.42
N LEU A 103 21.69 14.73 9.12
CA LEU A 103 21.70 14.05 7.89
C LEU A 103 21.65 14.97 6.69
N LEU A 104 20.83 15.99 6.68
CA LEU A 104 20.77 16.86 5.55
C LEU A 104 21.99 17.71 5.41
N GLY A 105 22.70 17.90 6.48
CA GLY A 105 23.91 18.70 6.46
C GLY A 105 25.17 17.86 6.47
N SER A 106 25.21 16.82 5.62
CA SER A 106 26.34 15.91 5.60
C SER A 106 26.65 15.51 4.17
N ASP A 107 27.76 14.77 4.02
CA ASP A 107 28.29 14.34 2.73
C ASP A 107 27.20 13.79 1.80
N ILE A 108 26.21 13.10 2.37
CA ILE A 108 25.14 12.55 1.54
C ILE A 108 24.50 13.66 0.71
N PHE A 109 24.29 14.83 1.31
CA PHE A 109 23.63 15.95 0.63
C PHE A 109 24.58 17.07 0.21
N THR A 110 25.70 17.27 0.92
CA THR A 110 26.64 18.31 0.54
C THR A 110 27.72 17.83 -0.42
N GLY A 111 27.88 16.51 -0.59
CA GLY A 111 28.87 15.98 -1.51
C GLY A 111 28.36 15.91 -2.94
N GLU A 112 29.20 15.35 -3.81
CA GLU A 112 28.85 15.19 -5.22
C GLU A 112 27.93 13.98 -5.39
N PRO A 113 26.98 14.03 -6.34
CA PRO A 113 26.69 15.13 -7.27
C PRO A 113 26.11 16.35 -6.56
N SER A 114 26.54 17.54 -6.97
CA SER A 114 26.06 18.75 -6.33
C SER A 114 24.55 18.85 -6.43
N LEU A 115 23.91 19.26 -5.33
CA LEU A 115 22.49 19.58 -5.38
C LEU A 115 22.26 20.71 -6.37
N LEU A 116 21.07 20.74 -6.95
CA LEU A 116 20.76 21.80 -7.90
C LEU A 116 20.28 23.04 -7.15
N PRO A 117 20.56 24.25 -7.69
CA PRO A 117 20.21 25.47 -6.94
C PRO A 117 18.76 25.55 -6.51
N ASP A 118 17.87 24.83 -7.18
CA ASP A 118 16.46 24.83 -6.85
C ASP A 118 16.08 23.75 -5.85
N SER A 119 17.06 23.13 -5.21
CA SER A 119 16.78 22.07 -4.24
C SER A 119 16.23 22.67 -2.95
N PRO A 120 15.28 22.00 -2.29
CA PRO A 120 14.75 22.49 -1.02
C PRO A 120 15.55 22.09 0.22
N VAL A 121 16.64 21.33 0.03
CA VAL A 121 17.37 20.79 1.18
C VAL A 121 17.80 21.90 2.12
N GLY A 122 18.36 22.99 1.57
CA GLY A 122 18.83 24.07 2.41
C GLY A 122 17.73 24.66 3.28
N GLN A 123 16.59 24.94 2.74
CA GLN A 123 15.53 25.41 3.55
C GLN A 123 15.03 24.40 4.54
N LEU A 124 14.95 23.13 4.20
CA LEU A 124 14.48 22.16 5.12
C LEU A 124 15.40 22.13 6.23
N HIS A 125 16.67 22.23 5.94
CA HIS A 125 17.63 22.23 7.03
C HIS A 125 17.35 23.37 8.02
N ALA A 126 17.04 24.56 7.50
CA ALA A 126 16.80 25.71 8.37
C ALA A 126 15.52 25.52 9.19
N SER A 127 14.47 24.96 8.58
CA SER A 127 13.21 24.80 9.27
C SER A 127 13.25 23.65 10.26
N LEU A 128 13.97 22.56 9.94
CA LEU A 128 14.22 21.52 10.93
C LEU A 128 14.97 22.08 12.12
N LEU A 129 16.04 22.84 11.87
CA LEU A 129 16.79 23.48 12.94
C LEU A 129 15.90 24.40 13.76
N GLY A 130 15.04 25.18 13.09
CA GLY A 130 14.14 26.07 13.81
C GLY A 130 13.17 25.33 14.70
N LEU A 131 12.60 24.22 14.20
CA LEU A 131 11.62 23.49 14.98
C LEU A 131 12.27 22.80 16.18
N SER A 132 13.45 22.22 15.99
CA SER A 132 14.12 21.55 17.10
C SER A 132 14.53 22.53 18.19
N GLN A 133 14.79 23.79 17.82
CA GLN A 133 15.08 24.80 18.84
C GLN A 133 13.84 25.17 19.64
N LEU A 134 12.67 25.17 19.01
CA LEU A 134 11.44 25.42 19.75
C LEU A 134 11.17 24.34 20.79
N LEU A 135 11.65 23.13 20.55
CA LEU A 135 11.45 22.04 21.51
C LEU A 135 12.47 22.13 22.64
N GLN A 136 13.72 22.48 22.33
CA GLN A 136 14.73 22.66 23.37
C GLN A 136 15.91 23.46 22.81
N PRO A 137 16.32 24.57 23.46
CA PRO A 137 17.43 25.37 22.89
C PRO A 137 18.77 24.65 22.98
N GLU A 138 19.08 24.09 24.15
CA GLU A 138 20.32 23.34 24.33
C GLU A 138 20.12 21.87 23.98
N LEU A 150 25.71 4.11 5.26
CA LEU A 150 25.60 5.49 4.81
C LEU A 150 26.85 5.89 4.00
N SER A 151 26.68 6.89 3.14
CA SER A 151 27.75 7.46 2.34
C SER A 151 28.21 6.46 1.26
N PRO A 152 27.35 6.17 0.28
CA PRO A 152 27.73 5.22 -0.77
C PRO A 152 28.72 5.83 -1.76
N SER A 153 29.30 4.96 -2.58
CA SER A 153 30.36 5.38 -3.51
C SER A 153 29.79 6.00 -4.78
N GLN A 154 28.98 5.24 -5.51
CA GLN A 154 28.49 5.71 -6.80
C GLN A 154 27.63 6.97 -6.62
N PRO A 155 27.74 7.96 -7.51
CA PRO A 155 26.87 9.14 -7.38
C PRO A 155 25.41 8.83 -7.64
N TRP A 156 25.11 7.84 -8.49
CA TRP A 156 23.74 7.43 -8.68
C TRP A 156 23.15 6.83 -7.41
N GLN A 157 23.99 6.17 -6.61
CA GLN A 157 23.53 5.63 -5.34
C GLN A 157 23.31 6.74 -4.32
N ARG A 158 24.03 7.86 -4.44
CA ARG A 158 23.81 8.97 -3.52
C ARG A 158 22.51 9.71 -3.85
N LEU A 159 22.19 9.86 -5.14
CA LEU A 159 20.92 10.47 -5.52
C LEU A 159 19.75 9.65 -4.98
N LEU A 160 19.80 8.33 -5.21
CA LEU A 160 18.76 7.44 -4.72
C LEU A 160 18.64 7.54 -3.20
N LEU A 161 19.77 7.60 -2.51
CA LEU A 161 19.76 7.71 -1.06
C LEU A 161 19.10 9.01 -0.60
N ARG A 162 19.44 10.13 -1.25
CA ARG A 162 18.79 11.40 -0.94
C ARG A 162 17.28 11.29 -1.11
N PHE A 163 16.83 10.61 -2.16
CA PHE A 163 15.40 10.49 -2.42
C PHE A 163 14.69 9.70 -1.32
N LYS A 164 15.31 8.60 -0.86
CA LYS A 164 14.70 7.81 0.20
C LYS A 164 14.64 8.60 1.51
N ILE A 165 15.66 9.41 1.78
CA ILE A 165 15.68 10.20 3.01
C ILE A 165 14.59 11.26 2.97
N LEU A 166 14.48 11.98 1.85
CA LEU A 166 13.46 13.02 1.75
C LEU A 166 12.06 12.41 1.77
N ARG A 167 11.89 11.24 1.15
CA ARG A 167 10.60 10.55 1.20
C ARG A 167 10.29 10.12 2.63
N SER A 168 11.31 9.67 3.37
CA SER A 168 11.12 9.31 4.77
C SER A 168 10.73 10.53 5.60
N LEU A 169 11.32 11.69 5.29
CA LEU A 169 11.03 12.90 6.06
C LEU A 169 9.58 13.32 5.94
N GLN A 170 8.97 13.12 4.75
CA GLN A 170 7.56 13.44 4.57
C GLN A 170 6.70 12.67 5.56
N ALA A 171 7.01 11.40 5.78
CA ALA A 171 6.26 10.62 6.75
C ALA A 171 6.48 11.13 8.17
N PHE A 172 7.73 11.45 8.50
CA PHE A 172 8.07 11.90 9.86
C PHE A 172 7.37 13.21 10.20
N VAL A 173 7.46 14.20 9.30
CA VAL A 173 6.88 15.50 9.61
C VAL A 173 5.36 15.46 9.54
N ALA A 174 4.78 14.52 8.77
CA ALA A 174 3.33 14.37 8.78
C ALA A 174 2.83 14.02 10.17
N VAL A 175 3.52 13.12 10.86
CA VAL A 175 3.12 12.76 12.22
C VAL A 175 3.36 13.92 13.18
N ALA A 176 4.52 14.56 13.08
CA ALA A 176 4.82 15.69 13.96
C ALA A 176 3.76 16.78 13.83
N ALA A 177 3.30 17.03 12.61
CA ALA A 177 2.27 18.06 12.40
C ALA A 177 0.96 17.69 13.08
N ARG A 178 0.60 16.40 13.08
CA ARG A 178 -0.58 15.97 13.82
C ARG A 178 -0.39 16.18 15.32
N VAL A 179 0.82 15.94 15.80
CA VAL A 179 1.11 16.12 17.23
C VAL A 179 0.91 17.58 17.62
N PHE A 180 1.50 18.49 16.86
CA PHE A 180 1.46 19.91 17.22
C PHE A 180 0.08 20.51 16.96
N ALA A 181 -0.64 20.01 15.95
CA ALA A 181 -2.01 20.46 15.74
C ALA A 181 -2.92 20.00 16.88
N HIS A 182 -2.76 18.74 17.31
CA HIS A 182 -3.58 18.22 18.39
C HIS A 182 -3.27 18.93 19.71
N GLY A 183 -1.99 19.10 20.03
CA GLY A 183 -1.63 19.78 21.26
C GLY A 183 -2.10 21.21 21.31
N ALA A 184 -2.06 21.90 20.17
CA ALA A 184 -2.56 23.27 20.11
C ALA A 184 -4.05 23.33 20.38
N ALA A 185 -4.78 22.28 19.99
CA ALA A 185 -6.23 22.26 20.15
C ALA A 185 -6.68 21.78 21.53
N THR A 186 -5.85 20.97 22.21
CA THR A 186 -6.28 20.31 23.44
C THR A 186 -5.35 20.51 24.63
N LEU A 187 -4.12 20.96 24.44
CA LEU A 187 -3.14 21.04 25.53
C LEU A 187 -2.63 22.46 25.77
N SER A 188 -3.20 23.46 25.10
CA SER A 188 -2.77 24.84 25.24
C SER A 188 -3.69 25.59 26.20
N PRO A 189 -3.15 26.41 27.12
CA PRO A 189 -4.06 27.15 28.00
C PRO A 189 -4.71 28.34 27.32
N ILE B 23 11.23 -28.28 -7.30
CA ILE B 23 9.85 -28.52 -6.92
C ILE B 23 9.64 -28.12 -5.47
N TRP B 24 8.49 -27.52 -5.16
CA TRP B 24 8.15 -27.15 -3.79
C TRP B 24 6.67 -27.40 -3.56
N GLU B 25 6.30 -27.61 -2.30
CA GLU B 25 4.93 -27.95 -1.94
C GLU B 25 4.13 -26.69 -1.65
N LEU B 26 3.10 -26.46 -2.46
CA LEU B 26 2.19 -25.33 -2.26
C LEU B 26 1.22 -25.61 -1.12
N LYS B 27 0.77 -26.85 -1.01
CA LYS B 27 -0.38 -27.23 -0.20
C LYS B 27 -0.48 -28.75 -0.31
N LYS B 28 -0.92 -29.39 0.79
CA LYS B 28 -0.77 -30.85 0.90
C LYS B 28 -1.16 -31.54 -0.40
N ASP B 29 -0.23 -32.31 -0.95
CA ASP B 29 -0.38 -33.04 -2.20
C ASP B 29 -0.45 -32.13 -3.42
N VAL B 30 -0.13 -30.85 -3.28
CA VAL B 30 -0.08 -29.91 -4.40
C VAL B 30 1.33 -29.36 -4.47
N TYR B 31 1.98 -29.55 -5.61
CA TYR B 31 3.38 -29.18 -5.80
C TYR B 31 3.50 -28.23 -6.99
N VAL B 32 4.46 -27.32 -6.91
CA VAL B 32 4.73 -26.37 -7.97
C VAL B 32 6.09 -26.68 -8.56
N VAL B 33 6.17 -26.71 -9.88
CA VAL B 33 7.40 -26.97 -10.61
C VAL B 33 7.74 -25.71 -11.40
N GLU B 34 8.93 -25.17 -11.15
CA GLU B 34 9.38 -23.97 -11.83
C GLU B 34 10.10 -24.36 -13.12
N LEU B 35 9.67 -23.76 -14.23
CA LEU B 35 10.20 -24.11 -15.55
C LEU B 35 10.59 -22.86 -16.32
N ASP B 36 11.84 -22.83 -16.78
CA ASP B 36 12.25 -21.91 -17.84
C ASP B 36 11.55 -22.32 -19.12
N TRP B 37 10.56 -21.53 -19.53
CA TRP B 37 9.64 -21.91 -20.59
C TRP B 37 10.23 -21.51 -21.94
N TYR B 38 10.73 -22.49 -22.69
CA TYR B 38 11.22 -22.25 -24.04
C TYR B 38 11.33 -23.59 -24.76
N PRO B 39 11.34 -23.58 -26.10
CA PRO B 39 11.35 -24.84 -26.83
C PRO B 39 12.68 -25.57 -26.68
N ASP B 40 12.59 -26.91 -26.57
CA ASP B 40 13.77 -27.74 -26.41
C ASP B 40 14.52 -27.40 -25.12
N ALA B 41 13.76 -27.19 -24.05
CA ALA B 41 14.29 -26.95 -22.71
C ALA B 41 14.37 -28.26 -21.94
N PRO B 42 15.42 -28.50 -21.15
CA PRO B 42 15.55 -29.81 -20.50
C PRO B 42 14.46 -30.10 -19.48
N GLY B 43 13.97 -29.09 -18.76
CA GLY B 43 12.96 -29.31 -17.75
C GLY B 43 13.57 -29.68 -16.40
N GLU B 44 12.75 -30.28 -15.55
CA GLU B 44 13.16 -30.68 -14.21
C GLU B 44 12.87 -32.17 -14.00
N MET B 45 13.82 -32.86 -13.40
CA MET B 45 13.65 -34.28 -13.04
C MET B 45 12.98 -34.34 -11.68
N VAL B 46 11.71 -34.75 -11.68
CA VAL B 46 10.88 -34.77 -10.47
C VAL B 46 10.69 -36.20 -10.02
N VAL B 47 10.75 -36.42 -8.71
CA VAL B 47 10.52 -37.73 -8.11
C VAL B 47 9.25 -37.64 -7.28
N LEU B 48 8.22 -38.36 -7.72
CA LEU B 48 6.99 -38.51 -6.94
C LEU B 48 7.11 -39.73 -6.04
N THR B 49 6.45 -39.65 -4.88
CA THR B 49 6.48 -40.72 -3.90
C THR B 49 5.05 -41.05 -3.49
N CYS B 50 4.73 -42.34 -3.45
CA CYS B 50 3.39 -42.80 -3.10
C CYS B 50 3.28 -42.93 -1.59
N ASP B 51 2.40 -42.15 -0.98
CA ASP B 51 2.20 -42.16 0.47
C ASP B 51 1.29 -43.34 0.82
N THR B 52 1.91 -44.49 1.04
CA THR B 52 1.18 -45.72 1.31
C THR B 52 2.08 -46.67 2.08
N PRO B 53 1.54 -47.53 2.93
CA PRO B 53 2.36 -48.54 3.60
C PRO B 53 2.58 -49.79 2.77
N GLU B 54 2.02 -49.85 1.57
CA GLU B 54 2.27 -50.95 0.66
C GLU B 54 3.62 -50.78 -0.02
N GLU B 55 4.23 -51.89 -0.39
CA GLU B 55 5.55 -51.88 -1.02
C GLU B 55 5.55 -52.43 -2.43
N ASP B 56 4.79 -53.49 -2.71
CA ASP B 56 4.79 -54.15 -4.00
C ASP B 56 3.51 -53.85 -4.76
N GLY B 57 3.56 -54.05 -6.08
CA GLY B 57 2.39 -53.96 -6.92
C GLY B 57 1.92 -52.56 -7.26
N ILE B 58 2.77 -51.55 -7.09
CA ILE B 58 2.34 -50.15 -7.24
C ILE B 58 2.55 -49.71 -8.69
N THR B 59 1.56 -49.03 -9.24
CA THR B 59 1.62 -48.45 -10.58
C THR B 59 1.16 -46.99 -10.53
N TRP B 60 1.54 -46.23 -11.55
CA TRP B 60 1.27 -44.79 -11.61
C TRP B 60 0.48 -44.44 -12.85
N THR B 61 -0.43 -43.48 -12.71
CA THR B 61 -1.17 -42.94 -13.85
C THR B 61 -1.31 -41.42 -13.68
N LEU B 62 -1.77 -40.77 -14.75
CA LEU B 62 -1.88 -39.32 -14.81
C LEU B 62 -3.28 -38.95 -15.29
N ASP B 63 -4.00 -38.18 -14.46
CA ASP B 63 -5.34 -37.66 -14.78
C ASP B 63 -6.24 -38.86 -15.10
N GLN B 64 -6.93 -38.88 -16.25
CA GLN B 64 -7.92 -39.89 -16.57
C GLN B 64 -7.38 -40.95 -17.53
N SER B 65 -6.08 -40.97 -17.78
CA SER B 65 -5.47 -41.95 -18.66
C SER B 65 -5.14 -43.21 -17.86
N SER B 66 -5.54 -44.37 -18.39
CA SER B 66 -5.22 -45.65 -17.77
C SER B 66 -3.76 -46.02 -17.99
N GLU B 67 -3.10 -45.42 -18.98
CA GLU B 67 -1.71 -45.72 -19.29
C GLU B 67 -0.85 -45.74 -18.04
N VAL B 68 -0.24 -46.87 -17.76
CA VAL B 68 0.66 -47.02 -16.62
C VAL B 68 1.99 -46.37 -16.97
N LEU B 69 2.34 -45.32 -16.23
CA LEU B 69 3.55 -44.55 -16.51
C LEU B 69 4.78 -45.07 -15.77
N GLY B 70 4.58 -45.89 -14.74
CA GLY B 70 5.70 -46.45 -14.00
C GLY B 70 5.20 -47.37 -12.91
N SER B 71 6.17 -47.97 -12.22
CA SER B 71 5.88 -48.92 -11.16
C SER B 71 6.82 -48.66 -9.99
N GLY B 72 6.42 -49.15 -8.82
CA GLY B 72 7.19 -48.95 -7.60
C GLY B 72 6.67 -47.78 -6.80
N LYS B 73 7.20 -47.66 -5.57
CA LYS B 73 6.74 -46.61 -4.66
C LYS B 73 7.05 -45.22 -5.17
N THR B 74 7.98 -45.07 -6.11
CA THR B 74 8.37 -43.76 -6.64
C THR B 74 8.25 -43.76 -8.15
N LEU B 75 8.11 -42.55 -8.71
CA LEU B 75 8.05 -42.34 -10.14
C LEU B 75 8.88 -41.11 -10.47
N THR B 76 9.86 -41.26 -11.36
CA THR B 76 10.70 -40.16 -11.82
C THR B 76 10.21 -39.69 -13.19
N ILE B 77 10.04 -38.39 -13.35
CA ILE B 77 9.51 -37.82 -14.59
C ILE B 77 10.29 -36.56 -14.95
N GLN B 78 10.43 -36.35 -16.27
CA GLN B 78 11.04 -35.14 -16.80
C GLN B 78 9.90 -34.16 -17.11
N VAL B 79 9.73 -33.16 -16.25
CA VAL B 79 8.63 -32.22 -16.38
C VAL B 79 9.06 -31.10 -17.33
N LYS B 80 8.50 -31.09 -18.53
CA LYS B 80 8.83 -30.09 -19.54
C LYS B 80 7.65 -29.24 -19.98
N GLU B 81 6.44 -29.81 -20.03
CA GLU B 81 5.26 -29.10 -20.51
C GLU B 81 4.07 -29.46 -19.64
N PHE B 82 2.91 -28.87 -19.96
CA PHE B 82 1.69 -29.13 -19.19
C PHE B 82 1.16 -30.53 -19.41
N GLY B 83 1.69 -31.28 -20.39
CA GLY B 83 1.38 -32.69 -20.49
C GLY B 83 2.05 -33.52 -19.41
N ASP B 84 3.12 -33.00 -18.83
CA ASP B 84 3.79 -33.62 -17.69
C ASP B 84 3.20 -33.17 -16.36
N ALA B 85 2.40 -32.12 -16.36
CA ALA B 85 1.70 -31.67 -15.16
C ALA B 85 0.37 -32.40 -15.04
N GLY B 86 -0.27 -32.25 -13.87
CA GLY B 86 -1.57 -32.83 -13.62
C GLY B 86 -1.56 -33.62 -12.33
N GLN B 87 -2.63 -34.40 -12.13
CA GLN B 87 -2.81 -35.18 -10.92
C GLN B 87 -2.28 -36.59 -11.17
N TYR B 88 -1.15 -36.92 -10.55
CA TYR B 88 -0.60 -38.26 -10.59
C TYR B 88 -1.22 -39.11 -9.49
N THR B 89 -1.66 -40.31 -9.85
CA THR B 89 -2.27 -41.24 -8.92
C THR B 89 -1.46 -42.54 -8.91
N CYS B 90 -1.21 -43.08 -7.73
CA CYS B 90 -0.58 -44.39 -7.61
C CYS B 90 -1.61 -45.41 -7.14
N HIS B 91 -1.54 -46.61 -7.71
CA HIS B 91 -2.54 -47.65 -7.49
C HIS B 91 -1.86 -48.91 -6.97
N LYS B 92 -2.65 -49.72 -6.30
CA LYS B 92 -2.29 -51.10 -5.96
C LYS B 92 -3.33 -51.99 -6.62
N GLY B 93 -3.24 -52.09 -7.94
CA GLY B 93 -4.30 -52.69 -8.72
C GLY B 93 -5.52 -51.79 -8.75
N GLY B 94 -6.68 -52.34 -8.37
CA GLY B 94 -7.89 -51.56 -8.30
C GLY B 94 -7.99 -50.61 -7.12
N GLU B 95 -7.02 -50.66 -6.21
CA GLU B 95 -7.04 -49.85 -5.00
C GLU B 95 -6.28 -48.55 -5.23
N VAL B 96 -7.00 -47.43 -5.19
CA VAL B 96 -6.39 -46.11 -5.27
C VAL B 96 -5.64 -45.82 -3.97
N LEU B 97 -4.42 -45.30 -4.08
CA LEU B 97 -3.61 -45.06 -2.90
C LEU B 97 -3.52 -43.57 -2.57
N SER B 98 -2.73 -42.81 -3.32
CA SER B 98 -2.56 -41.38 -3.04
C SER B 98 -2.47 -40.61 -4.35
N HIS B 99 -2.51 -39.28 -4.23
CA HIS B 99 -2.50 -38.38 -5.36
C HIS B 99 -1.44 -37.30 -5.17
N SER B 100 -0.83 -36.89 -6.28
CA SER B 100 0.11 -35.77 -6.30
C SER B 100 -0.25 -34.87 -7.47
N LEU B 101 -0.64 -33.64 -7.17
CA LEU B 101 -1.00 -32.65 -8.19
C LEU B 101 0.21 -31.78 -8.46
N LEU B 102 0.65 -31.73 -9.72
CA LEU B 102 1.75 -30.89 -10.16
C LEU B 102 1.22 -29.67 -10.89
N LEU B 103 1.67 -28.49 -10.47
CA LEU B 103 1.38 -27.24 -11.15
C LEU B 103 2.68 -26.66 -11.68
N LEU B 104 2.58 -25.92 -12.78
CA LEU B 104 3.75 -25.29 -13.38
C LEU B 104 3.71 -23.79 -13.15
N HIS B 105 4.87 -23.24 -12.78
CA HIS B 105 5.10 -21.80 -12.73
C HIS B 105 6.06 -21.50 -13.87
N LYS B 106 5.54 -21.05 -15.00
CA LYS B 106 6.38 -20.83 -16.18
C LYS B 106 7.10 -19.49 -16.08
N LYS B 107 8.41 -19.51 -16.31
CA LYS B 107 9.24 -18.31 -16.35
C LYS B 107 9.60 -18.06 -17.81
N GLU B 108 8.95 -17.07 -18.41
CA GLU B 108 9.10 -16.77 -19.83
C GLU B 108 9.95 -15.52 -20.00
N ASP B 109 11.01 -15.64 -20.80
CA ASP B 109 11.94 -14.54 -21.03
C ASP B 109 12.58 -14.08 -19.72
N GLY B 110 12.77 -15.02 -18.79
CA GLY B 110 13.34 -14.68 -17.51
C GLY B 110 12.40 -13.96 -16.57
N ILE B 111 11.09 -14.03 -16.82
CA ILE B 111 10.10 -13.31 -16.02
C ILE B 111 8.92 -14.25 -15.76
N TRP B 112 8.52 -14.35 -14.50
CA TRP B 112 7.38 -15.19 -14.15
C TRP B 112 6.13 -14.72 -14.87
N SER B 113 5.35 -15.67 -15.38
CA SER B 113 4.18 -15.34 -16.17
C SER B 113 3.16 -14.55 -15.35
N THR B 114 2.45 -13.66 -16.03
CA THR B 114 1.36 -12.87 -15.45
C THR B 114 0.13 -12.94 -16.34
N ASP B 115 -0.20 -14.16 -16.76
CA ASP B 115 -1.32 -14.35 -17.68
C ASP B 115 -2.66 -14.22 -16.98
N ILE B 116 -2.76 -14.73 -15.74
CA ILE B 116 -4.06 -14.88 -15.11
C ILE B 116 -4.69 -13.53 -14.78
N LEU B 117 -3.88 -12.57 -14.31
CA LEU B 117 -4.39 -11.26 -13.94
C LEU B 117 -4.10 -10.24 -15.02
N LYS B 118 -5.03 -9.30 -15.21
CA LYS B 118 -4.85 -8.22 -16.17
C LYS B 118 -4.04 -7.09 -15.55
N ASP B 119 -3.11 -6.54 -16.33
CA ASP B 119 -2.30 -5.41 -15.89
C ASP B 119 -3.14 -4.14 -15.89
N GLN B 120 -3.33 -3.55 -14.70
CA GLN B 120 -4.12 -2.33 -14.57
C GLN B 120 -3.38 -1.07 -15.02
N LYS B 121 -2.05 -1.14 -15.17
CA LYS B 121 -1.25 -0.04 -15.73
C LYS B 121 -1.50 1.28 -14.99
N GLU B 122 -1.92 1.20 -13.73
CA GLU B 122 -2.11 2.40 -12.93
C GLU B 122 -1.76 2.10 -11.47
N PRO B 123 -0.84 2.85 -10.85
CA PRO B 123 -0.08 4.02 -11.30
C PRO B 123 0.99 3.76 -12.37
N LYS B 124 1.60 2.58 -12.37
CA LYS B 124 2.67 2.24 -13.30
C LYS B 124 2.36 0.89 -13.95
N ASN B 125 3.27 0.46 -14.83
CA ASN B 125 3.08 -0.81 -15.52
C ASN B 125 3.28 -1.99 -14.57
N LYS B 126 2.67 -3.11 -14.93
CA LYS B 126 2.75 -4.34 -14.14
C LYS B 126 2.14 -4.15 -12.75
N THR B 127 1.10 -3.33 -12.67
CA THR B 127 0.29 -3.21 -11.46
C THR B 127 -0.89 -4.17 -11.59
N PHE B 128 -0.83 -5.28 -10.86
CA PHE B 128 -1.87 -6.30 -10.93
C PHE B 128 -2.79 -6.28 -9.72
N LEU B 129 -2.32 -5.81 -8.58
CA LEU B 129 -3.14 -5.61 -7.39
C LEU B 129 -3.15 -4.14 -7.03
N ARG B 130 -4.32 -3.62 -6.72
CA ARG B 130 -4.49 -2.24 -6.26
C ARG B 130 -5.20 -2.27 -4.91
N CYS B 131 -4.65 -1.54 -3.94
CA CYS B 131 -5.17 -1.55 -2.59
C CYS B 131 -5.54 -0.14 -2.16
N GLU B 132 -6.52 -0.05 -1.26
CA GLU B 132 -7.02 1.22 -0.78
C GLU B 132 -7.38 1.12 0.69
N ALA B 133 -7.22 2.23 1.40
CA ALA B 133 -7.70 2.38 2.77
C ALA B 133 -8.54 3.65 2.85
N LYS B 134 -9.57 3.61 3.68
CA LYS B 134 -10.37 4.79 3.95
C LYS B 134 -9.90 5.56 5.18
N ASN B 135 -8.93 5.04 5.91
CA ASN B 135 -8.47 5.64 7.17
C ASN B 135 -7.19 4.95 7.60
N TYR B 136 -6.75 5.23 8.83
CA TYR B 136 -5.51 4.71 9.38
C TYR B 136 -5.72 3.54 10.33
N SER B 137 -6.86 2.85 10.22
CA SER B 137 -7.23 1.82 11.19
C SER B 137 -6.46 0.51 11.00
N GLY B 138 -5.83 0.32 9.85
CA GLY B 138 -5.24 -0.97 9.51
C GLY B 138 -6.10 -1.81 8.60
N ARG B 139 -7.35 -1.42 8.37
CA ARG B 139 -8.21 -2.11 7.42
C ARG B 139 -7.96 -1.57 6.02
N PHE B 140 -7.94 -2.47 5.03
CA PHE B 140 -7.77 -2.06 3.65
C PHE B 140 -8.39 -3.10 2.74
N THR B 141 -8.57 -2.71 1.47
CA THR B 141 -9.15 -3.56 0.45
C THR B 141 -8.25 -3.56 -0.77
N CYS B 142 -8.10 -4.72 -1.40
CA CYS B 142 -7.30 -4.85 -2.62
C CYS B 142 -8.15 -5.48 -3.71
N TRP B 143 -7.93 -5.03 -4.95
CA TRP B 143 -8.72 -5.44 -6.11
C TRP B 143 -7.80 -5.96 -7.19
N TRP B 144 -8.35 -6.78 -8.09
CA TRP B 144 -7.63 -7.18 -9.29
C TRP B 144 -8.63 -7.66 -10.34
N LEU B 145 -8.14 -7.77 -11.57
CA LEU B 145 -8.96 -8.06 -12.74
C LEU B 145 -8.44 -9.31 -13.46
N THR B 146 -9.36 -10.04 -14.07
CA THR B 146 -9.02 -11.23 -14.84
C THR B 146 -10.08 -11.45 -15.92
N THR B 147 -9.68 -12.09 -17.02
CA THR B 147 -10.61 -12.50 -18.06
C THR B 147 -11.08 -13.93 -17.90
N ILE B 148 -10.51 -14.68 -16.97
CA ILE B 148 -10.80 -16.10 -16.84
C ILE B 148 -12.08 -16.28 -16.04
N SER B 149 -12.97 -17.16 -16.53
CA SER B 149 -14.25 -17.41 -15.90
C SER B 149 -14.32 -18.75 -15.17
N THR B 150 -13.47 -19.72 -15.49
CA THR B 150 -13.59 -21.07 -14.96
C THR B 150 -12.25 -21.57 -14.43
N ASP B 151 -12.35 -22.58 -13.56
CA ASP B 151 -11.19 -23.28 -13.01
C ASP B 151 -10.18 -22.30 -12.41
N LEU B 152 -10.68 -21.34 -11.64
CA LEU B 152 -9.86 -20.24 -11.15
C LEU B 152 -9.93 -20.21 -9.62
N THR B 153 -8.76 -20.27 -8.98
CA THR B 153 -8.65 -20.26 -7.53
C THR B 153 -7.68 -19.17 -7.11
N PHE B 154 -8.06 -18.39 -6.09
CA PHE B 154 -7.22 -17.35 -5.53
C PHE B 154 -7.00 -17.59 -4.05
N SER B 155 -5.80 -17.31 -3.58
CA SER B 155 -5.45 -17.43 -2.17
C SER B 155 -4.69 -16.18 -1.75
N VAL B 156 -5.11 -15.56 -0.65
CA VAL B 156 -4.60 -14.26 -0.22
C VAL B 156 -3.96 -14.38 1.15
N LYS B 157 -2.76 -13.81 1.29
CA LYS B 157 -2.05 -13.72 2.55
C LYS B 157 -1.39 -12.35 2.65
N SER B 158 -1.22 -11.87 3.88
CA SER B 158 -0.67 -10.54 4.09
C SER B 158 0.05 -10.48 5.42
N SER B 159 1.00 -9.54 5.52
CA SER B 159 1.79 -9.32 6.72
C SER B 159 2.50 -7.98 6.58
N ARG B 160 2.89 -7.41 7.72
CA ARG B 160 3.72 -6.20 7.74
C ARG B 160 5.16 -6.65 8.00
N GLY B 161 6.03 -6.44 7.02
CA GLY B 161 7.42 -6.81 7.14
C GLY B 161 7.69 -8.21 6.65
N SER B 162 8.97 -8.49 6.43
CA SER B 162 9.45 -9.76 5.90
C SER B 162 10.35 -10.50 6.88
N SER B 163 11.35 -9.81 7.44
CA SER B 163 12.28 -10.46 8.36
C SER B 163 11.55 -11.09 9.54
N ASP B 164 10.66 -10.31 10.18
CA ASP B 164 9.91 -10.76 11.34
C ASP B 164 8.46 -10.32 11.15
N PRO B 165 7.69 -11.07 10.37
CA PRO B 165 6.38 -10.56 9.92
C PRO B 165 5.38 -10.41 11.07
N GLN B 166 4.66 -9.29 11.04
CA GLN B 166 3.59 -9.00 11.97
C GLN B 166 2.23 -9.32 11.33
N GLY B 167 1.28 -9.73 12.16
CA GLY B 167 0.07 -10.38 11.66
C GLY B 167 -0.84 -9.41 10.93
N VAL B 168 -1.37 -9.85 9.78
CA VAL B 168 -2.45 -9.21 9.05
C VAL B 168 -3.45 -10.29 8.69
N THR B 169 -4.73 -10.08 9.04
CA THR B 169 -5.79 -11.05 8.76
C THR B 169 -6.55 -10.63 7.51
N CYS B 170 -6.66 -11.57 6.56
CA CYS B 170 -7.35 -11.32 5.30
C CYS B 170 -8.54 -12.27 5.15
N GLY B 171 -9.56 -11.79 4.46
CA GLY B 171 -10.71 -12.61 4.12
C GLY B 171 -10.44 -13.41 2.86
N ALA B 172 -11.51 -13.94 2.29
CA ALA B 172 -11.43 -14.67 1.03
C ALA B 172 -11.73 -13.72 -0.12
N ALA B 173 -10.98 -13.88 -1.21
CA ALA B 173 -11.26 -13.12 -2.42
C ALA B 173 -12.64 -13.46 -2.94
N THR B 174 -13.38 -12.44 -3.37
CA THR B 174 -14.73 -12.64 -3.89
C THR B 174 -14.95 -11.79 -5.12
N LEU B 175 -15.85 -12.26 -5.98
CA LEU B 175 -16.25 -11.50 -7.15
C LEU B 175 -16.96 -10.22 -6.73
N SER B 176 -16.43 -9.08 -7.16
CA SER B 176 -17.04 -7.79 -6.87
C SER B 176 -17.76 -7.18 -8.07
N ALA B 177 -17.33 -7.47 -9.29
CA ALA B 177 -17.92 -6.85 -10.47
C ALA B 177 -17.65 -7.72 -11.69
N GLU B 178 -18.45 -7.48 -12.73
CA GLU B 178 -18.31 -8.21 -13.98
C GLU B 178 -18.79 -7.33 -15.13
N ARG B 179 -18.02 -7.31 -16.19
CA ARG B 179 -18.40 -6.56 -17.34
C ARG B 179 -18.44 -7.47 -18.51
N VAL B 180 -19.56 -7.57 -19.19
CA VAL B 180 -19.59 -8.44 -20.34
C VAL B 180 -19.95 -7.72 -21.61
N ARG B 181 -19.15 -7.89 -22.64
CA ARG B 181 -19.46 -7.32 -23.91
C ARG B 181 -19.49 -8.50 -24.83
N GLY B 182 -20.69 -8.89 -25.17
CA GLY B 182 -20.80 -10.01 -26.08
C GLY B 182 -20.23 -11.27 -25.49
N ASP B 183 -19.10 -11.75 -26.04
CA ASP B 183 -18.44 -12.95 -25.54
C ASP B 183 -17.27 -12.65 -24.61
N ASN B 184 -16.68 -11.47 -24.70
CA ASN B 184 -15.54 -11.10 -23.87
C ASN B 184 -16.03 -10.72 -22.47
N LYS B 185 -15.71 -11.53 -21.47
CA LYS B 185 -16.10 -11.29 -20.09
C LYS B 185 -14.89 -10.86 -19.28
N GLU B 186 -15.06 -9.82 -18.47
CA GLU B 186 -14.01 -9.33 -17.58
C GLU B 186 -14.51 -9.33 -16.14
N TYR B 187 -13.67 -9.78 -15.22
CA TYR B 187 -14.06 -10.01 -13.83
C TYR B 187 -13.17 -9.20 -12.88
N GLU B 188 -13.78 -8.72 -11.80
CA GLU B 188 -13.04 -8.02 -10.75
C GLU B 188 -13.22 -8.75 -9.45
N TYR B 189 -12.11 -9.00 -8.76
CA TYR B 189 -12.11 -9.65 -7.46
C TYR B 189 -11.57 -8.70 -6.41
N SER B 190 -12.01 -8.88 -5.17
CA SER B 190 -11.57 -8.04 -4.08
C SER B 190 -11.47 -8.86 -2.80
N VAL B 191 -10.68 -8.34 -1.87
CA VAL B 191 -10.44 -8.98 -0.57
C VAL B 191 -10.24 -7.88 0.46
N GLU B 192 -10.84 -8.06 1.63
CA GLU B 192 -10.65 -7.14 2.75
C GLU B 192 -9.65 -7.76 3.72
N CYS B 193 -8.70 -6.94 4.18
CA CYS B 193 -7.71 -7.37 5.14
C CYS B 193 -7.68 -6.41 6.32
N GLN B 194 -7.02 -6.82 7.39
CA GLN B 194 -6.87 -5.97 8.56
C GLN B 194 -5.61 -6.34 9.33
N GLU B 195 -4.88 -5.30 9.76
CA GLU B 195 -3.71 -5.50 10.61
C GLU B 195 -4.14 -5.89 12.02
N ASP B 196 -3.48 -6.91 12.57
CA ASP B 196 -3.86 -7.45 13.87
C ASP B 196 -3.71 -6.40 14.97
N SER B 197 -2.51 -5.85 15.11
CA SER B 197 -2.22 -4.81 16.10
C SER B 197 -1.84 -3.56 15.32
N ALA B 198 -2.85 -2.79 14.93
CA ALA B 198 -2.64 -1.55 14.22
C ALA B 198 -2.35 -0.43 15.20
N CYS B 199 -1.55 0.54 14.75
CA CYS B 199 -1.20 1.72 15.55
C CYS B 199 -1.44 2.94 14.66
N PRO B 200 -2.68 3.40 14.58
CA PRO B 200 -3.03 4.41 13.55
C PRO B 200 -2.15 5.65 13.52
N ALA B 201 -1.61 6.08 14.67
CA ALA B 201 -0.84 7.31 14.71
C ALA B 201 0.63 7.12 14.37
N ALA B 202 1.16 5.91 14.53
CA ALA B 202 2.58 5.67 14.30
C ALA B 202 2.99 6.04 12.88
N GLU B 203 4.28 6.35 12.72
CA GLU B 203 4.90 6.46 11.41
C GLU B 203 5.40 5.07 11.02
N GLU B 204 4.72 4.44 10.06
CA GLU B 204 5.12 3.10 9.64
C GLU B 204 6.55 3.11 9.11
N SER B 205 7.34 2.14 9.54
CA SER B 205 8.67 1.93 8.99
C SER B 205 8.75 0.74 8.05
N LEU B 206 7.93 -0.28 8.27
CA LEU B 206 7.88 -1.47 7.43
C LEU B 206 6.58 -1.49 6.64
N PRO B 207 6.61 -1.75 5.34
CA PRO B 207 5.37 -1.76 4.57
C PRO B 207 4.56 -3.03 4.80
N ILE B 208 3.30 -2.96 4.41
CA ILE B 208 2.44 -4.13 4.36
C ILE B 208 2.72 -4.87 3.05
N GLU B 209 2.71 -6.19 3.12
CA GLU B 209 2.87 -7.04 1.94
C GLU B 209 1.57 -7.82 1.74
N VAL B 210 1.01 -7.75 0.53
CA VAL B 210 -0.16 -8.52 0.16
C VAL B 210 0.26 -9.52 -0.92
N MET B 211 0.01 -10.80 -0.67
CA MET B 211 0.44 -11.88 -1.55
C MET B 211 -0.77 -12.65 -2.05
N VAL B 212 -0.83 -12.86 -3.36
CA VAL B 212 -1.97 -13.52 -3.99
C VAL B 212 -1.45 -14.67 -4.86
N ASP B 213 -1.87 -15.89 -4.53
CA ASP B 213 -1.65 -17.05 -5.39
C ASP B 213 -2.82 -17.17 -6.37
N ALA B 214 -2.50 -17.49 -7.62
CA ALA B 214 -3.50 -17.67 -8.66
C ALA B 214 -3.23 -18.98 -9.38
N VAL B 215 -4.20 -19.89 -9.34
CA VAL B 215 -4.12 -21.17 -10.02
C VAL B 215 -5.27 -21.25 -11.02
N HIS B 216 -4.94 -21.56 -12.27
CA HIS B 216 -5.92 -21.75 -13.33
C HIS B 216 -5.56 -23.03 -14.07
N LYS B 217 -6.43 -24.03 -13.98
CA LYS B 217 -6.13 -25.36 -14.49
C LYS B 217 -4.80 -25.81 -13.88
N LEU B 218 -3.75 -25.97 -14.67
CA LEU B 218 -2.47 -26.43 -14.13
C LEU B 218 -1.42 -25.34 -14.01
N LYS B 219 -1.79 -24.08 -14.24
CA LYS B 219 -0.83 -22.98 -14.20
C LYS B 219 -0.88 -22.30 -12.84
N TYR B 220 0.30 -22.07 -12.27
CA TYR B 220 0.43 -21.35 -11.01
C TYR B 220 1.16 -20.05 -11.24
N GLU B 221 0.57 -18.95 -10.76
CA GLU B 221 1.21 -17.64 -10.77
C GLU B 221 0.97 -17.00 -9.41
N ASN B 222 1.84 -16.08 -9.02
CA ASN B 222 1.60 -15.34 -7.79
C ASN B 222 2.05 -13.89 -7.95
N TYR B 223 1.48 -13.05 -7.09
CA TYR B 223 1.58 -11.61 -7.20
C TYR B 223 1.82 -11.02 -5.81
N THR B 224 2.43 -9.84 -5.77
CA THR B 224 2.64 -9.13 -4.52
C THR B 224 2.45 -7.64 -4.73
N SER B 225 2.02 -6.98 -3.65
CA SER B 225 1.95 -5.53 -3.58
C SER B 225 2.50 -5.10 -2.23
N SER B 226 3.43 -4.15 -2.24
CA SER B 226 4.07 -3.66 -1.03
C SER B 226 3.73 -2.18 -0.87
N PHE B 227 3.31 -1.79 0.33
CA PHE B 227 2.83 -0.42 0.53
C PHE B 227 2.76 -0.08 2.00
N PHE B 228 2.69 1.23 2.25
CA PHE B 228 2.33 1.78 3.55
C PHE B 228 0.88 2.23 3.51
N ILE B 229 0.17 2.04 4.63
CA ILE B 229 -1.23 2.49 4.69
C ILE B 229 -1.34 3.94 4.25
N ARG B 230 -0.40 4.78 4.70
CA ARG B 230 -0.50 6.21 4.42
C ARG B 230 -0.47 6.52 2.93
N ASP B 231 0.11 5.64 2.11
CA ASP B 231 0.19 5.87 0.67
C ASP B 231 -1.04 5.39 -0.08
N ILE B 232 -1.88 4.55 0.54
CA ILE B 232 -3.10 4.07 -0.10
C ILE B 232 -4.35 4.69 0.52
N ILE B 233 -4.19 5.74 1.34
CA ILE B 233 -5.33 6.43 1.91
C ILE B 233 -6.12 7.12 0.80
N LYS B 234 -7.43 6.91 0.80
CA LYS B 234 -8.36 7.73 0.05
C LYS B 234 -9.58 7.96 0.93
N PRO B 235 -9.77 9.15 1.49
CA PRO B 235 -10.90 9.36 2.39
C PRO B 235 -12.23 9.23 1.66
N ASP B 236 -13.28 8.96 2.44
CA ASP B 236 -14.63 9.01 1.90
C ASP B 236 -14.98 10.48 1.64
N PRO B 237 -16.05 10.73 0.87
CA PRO B 237 -16.41 12.11 0.56
C PRO B 237 -16.92 12.82 1.80
N PRO B 238 -16.82 14.16 1.84
CA PRO B 238 -17.39 14.89 2.98
C PRO B 238 -18.88 14.66 3.09
N LYS B 239 -19.35 14.57 4.34
CA LYS B 239 -20.72 14.20 4.64
C LYS B 239 -21.57 15.45 4.90
N ASN B 240 -22.87 15.32 4.63
CA ASN B 240 -23.86 16.33 5.02
C ASN B 240 -23.49 17.72 4.48
N LEU B 241 -23.26 17.77 3.17
CA LEU B 241 -22.95 19.04 2.51
C LEU B 241 -24.22 19.90 2.40
N GLN B 242 -24.14 21.14 2.88
CA GLN B 242 -25.32 22.00 3.00
C GLN B 242 -25.00 23.43 2.60
N LEU B 243 -26.06 24.17 2.26
CA LEU B 243 -25.95 25.55 1.78
C LEU B 243 -26.87 26.46 2.58
N LYS B 244 -26.36 27.61 3.00
CA LYS B 244 -27.15 28.64 3.70
C LYS B 244 -27.01 29.96 2.96
N PRO B 245 -28.06 30.47 2.30
CA PRO B 245 -27.90 31.69 1.50
C PRO B 245 -27.91 32.96 2.34
N LEU B 246 -27.42 34.03 1.72
CA LEU B 246 -27.34 35.35 2.36
C LEU B 246 -27.64 36.42 1.32
N LYS B 247 -28.71 37.18 1.54
CA LYS B 247 -29.09 38.25 0.62
C LYS B 247 -28.11 39.41 0.70
N SER B 249 -23.54 39.39 -1.70
CA SER B 249 -24.14 39.58 -3.01
C SER B 249 -24.52 38.23 -3.62
N ARG B 250 -25.60 37.63 -3.12
CA ARG B 250 -25.98 36.27 -3.49
C ARG B 250 -24.94 35.25 -3.05
N GLN B 251 -24.24 35.54 -1.96
CA GLN B 251 -23.26 34.61 -1.41
C GLN B 251 -23.96 33.47 -0.68
N VAL B 252 -23.19 32.41 -0.42
CA VAL B 252 -23.71 31.21 0.21
C VAL B 252 -22.69 30.72 1.22
N GLU B 253 -23.19 30.24 2.37
CA GLU B 253 -22.34 29.65 3.40
C GLU B 253 -22.39 28.13 3.23
N VAL B 254 -21.30 27.57 2.70
CA VAL B 254 -21.20 26.14 2.44
C VAL B 254 -20.66 25.47 3.69
N SER B 255 -21.22 24.30 4.04
CA SER B 255 -20.79 23.60 5.25
C SER B 255 -20.95 22.09 5.04
N TRP B 256 -19.98 21.35 5.56
CA TRP B 256 -19.94 19.90 5.48
C TRP B 256 -19.36 19.37 6.78
N GLU B 257 -19.24 18.05 6.87
CA GLU B 257 -18.63 17.40 8.02
C GLU B 257 -17.68 16.32 7.54
N TYR B 258 -16.72 15.97 8.40
CA TYR B 258 -15.82 14.88 8.09
C TYR B 258 -16.63 13.61 7.81
N PRO B 259 -16.15 12.73 6.94
CA PRO B 259 -16.86 11.46 6.72
C PRO B 259 -16.78 10.56 7.94
N ASP B 260 -17.83 9.75 8.12
CA ASP B 260 -17.94 8.93 9.33
C ASP B 260 -16.78 7.96 9.46
N THR B 261 -16.21 7.50 8.35
CA THR B 261 -15.18 6.46 8.40
C THR B 261 -13.79 7.01 8.65
N TRP B 262 -13.60 8.33 8.62
CA TRP B 262 -12.27 8.89 8.80
C TRP B 262 -11.81 8.74 10.25
N SER B 263 -10.49 8.63 10.42
CA SER B 263 -9.92 8.42 11.74
C SER B 263 -10.26 9.57 12.68
N THR B 264 -10.32 9.26 13.97
CA THR B 264 -10.65 10.19 15.03
C THR B 264 -9.56 10.14 16.09
N PRO B 265 -9.34 11.25 16.82
CA PRO B 265 -9.99 12.56 16.76
C PRO B 265 -9.54 13.39 15.55
N HIS B 266 -10.45 14.22 15.02
CA HIS B 266 -10.13 15.05 13.87
C HIS B 266 -9.10 16.13 14.22
N SER B 267 -8.97 16.49 15.49
CA SER B 267 -7.93 17.43 15.89
C SER B 267 -6.53 16.87 15.63
N TYR B 268 -6.42 15.55 15.52
CA TYR B 268 -5.16 14.88 15.21
C TYR B 268 -5.11 14.44 13.75
N PHE B 269 -6.09 13.63 13.33
CA PHE B 269 -6.20 13.18 11.95
C PHE B 269 -6.99 14.22 11.15
N SER B 270 -6.31 15.30 10.81
CA SER B 270 -6.96 16.42 10.14
C SER B 270 -7.08 16.17 8.63
N LEU B 271 -8.14 16.74 8.06
CA LEU B 271 -8.36 16.74 6.62
C LEU B 271 -8.27 18.17 6.11
N THR B 272 -7.93 18.31 4.82
CA THR B 272 -8.02 19.58 4.13
C THR B 272 -8.96 19.40 2.94
N PHE B 273 -9.59 20.49 2.51
CA PHE B 273 -10.73 20.41 1.60
C PHE B 273 -10.54 21.34 0.41
N CYS B 274 -11.19 20.97 -0.70
CA CYS B 274 -11.26 21.82 -1.89
C CYS B 274 -12.72 21.97 -2.29
N VAL B 275 -13.19 23.22 -2.33
CA VAL B 275 -14.57 23.55 -2.66
C VAL B 275 -14.60 24.15 -4.06
N GLN B 276 -15.45 23.60 -4.92
CA GLN B 276 -15.48 23.96 -6.34
C GLN B 276 -16.87 24.35 -6.78
N VAL B 277 -16.95 25.40 -7.60
CA VAL B 277 -18.18 25.87 -8.22
C VAL B 277 -18.04 25.68 -9.73
N GLN B 278 -18.96 24.91 -10.33
CA GLN B 278 -18.83 24.56 -11.74
C GLN B 278 -20.21 24.40 -12.36
N GLY B 279 -20.36 24.90 -13.59
CA GLY B 279 -21.58 24.75 -14.34
C GLY B 279 -21.32 24.28 -15.76
N LYS B 280 -22.36 24.23 -16.57
CA LYS B 280 -22.23 23.79 -17.96
C LYS B 280 -22.09 24.98 -18.90
N LYS B 285 -16.05 27.66 -16.77
CA LYS B 285 -15.37 28.45 -15.75
C LYS B 285 -15.56 27.85 -14.36
N LYS B 286 -14.49 27.87 -13.56
CA LYS B 286 -14.48 27.28 -12.23
C LYS B 286 -14.05 28.29 -11.18
N ASP B 287 -14.52 28.09 -9.96
CA ASP B 287 -14.06 28.82 -8.78
C ASP B 287 -13.69 27.80 -7.72
N ARG B 288 -12.43 27.82 -7.29
CA ARG B 288 -11.92 26.88 -6.29
C ARG B 288 -11.43 27.65 -5.07
N VAL B 289 -11.76 27.15 -3.88
CA VAL B 289 -11.13 27.60 -2.64
C VAL B 289 -10.64 26.37 -1.89
N PHE B 290 -9.46 26.50 -1.27
CA PHE B 290 -8.82 25.43 -0.51
C PHE B 290 -8.78 25.84 0.95
N THR B 291 -9.40 25.03 1.82
CA THR B 291 -9.51 25.41 3.21
C THR B 291 -9.38 24.20 4.13
N ASP B 292 -8.83 24.45 5.31
CA ASP B 292 -8.77 23.49 6.39
C ASP B 292 -10.03 23.50 7.25
N LYS B 293 -10.90 24.49 7.07
CA LYS B 293 -12.16 24.55 7.78
C LYS B 293 -13.19 23.66 7.12
N THR B 294 -14.29 23.42 7.83
CA THR B 294 -15.43 22.70 7.29
C THR B 294 -16.55 23.64 6.87
N SER B 295 -16.21 24.87 6.51
CA SER B 295 -17.16 25.82 5.97
C SER B 295 -16.43 26.78 5.03
N ALA B 296 -17.18 27.44 4.16
CA ALA B 296 -16.60 28.33 3.17
C ALA B 296 -17.70 29.20 2.56
N THR B 297 -17.30 30.39 2.10
CA THR B 297 -18.20 31.32 1.43
C THR B 297 -17.86 31.35 -0.06
N VAL B 298 -18.86 31.09 -0.90
CA VAL B 298 -18.68 31.12 -2.35
C VAL B 298 -19.82 31.92 -2.96
N ILE B 299 -19.61 32.36 -4.20
CA ILE B 299 -20.62 33.06 -4.97
C ILE B 299 -21.29 32.04 -5.88
N CYS B 300 -22.55 31.75 -5.59
CA CYS B 300 -23.30 30.69 -6.26
C CYS B 300 -24.17 31.30 -7.36
N ARG B 301 -24.13 30.72 -8.54
CA ARG B 301 -24.88 31.21 -9.69
C ARG B 301 -25.92 30.17 -10.11
N LYS B 302 -26.76 30.57 -11.07
CA LYS B 302 -27.84 29.72 -11.53
C LYS B 302 -27.32 28.47 -12.22
N ASN B 303 -27.93 27.32 -11.91
CA ASN B 303 -27.62 26.05 -12.57
C ASN B 303 -26.17 25.61 -12.36
N ALA B 304 -25.54 26.06 -11.29
CA ALA B 304 -24.18 25.63 -10.98
C ALA B 304 -24.25 24.42 -10.03
N SER B 305 -23.15 24.10 -9.35
CA SER B 305 -23.13 23.04 -8.36
C SER B 305 -21.93 23.26 -7.44
N ILE B 306 -22.15 23.17 -6.14
CA ILE B 306 -21.07 23.27 -5.16
C ILE B 306 -20.58 21.86 -4.86
N SER B 307 -19.30 21.61 -5.15
CA SER B 307 -18.67 20.33 -4.88
C SER B 307 -17.57 20.48 -3.84
N VAL B 308 -17.41 19.45 -3.00
CA VAL B 308 -16.35 19.41 -2.01
C VAL B 308 -15.71 18.03 -2.03
N ARG B 309 -14.39 17.99 -1.85
CA ARG B 309 -13.62 16.77 -1.75
C ARG B 309 -12.58 16.95 -0.65
N ALA B 310 -11.98 15.85 -0.20
CA ALA B 310 -11.13 15.91 0.98
C ALA B 310 -9.85 15.12 0.77
N GLN B 311 -8.80 15.55 1.48
CA GLN B 311 -7.49 14.91 1.46
C GLN B 311 -6.87 15.01 2.85
N ASP B 312 -6.01 14.06 3.17
CA ASP B 312 -5.21 14.16 4.38
C ASP B 312 -4.44 15.48 4.37
N ARG B 313 -4.48 16.21 5.49
CA ARG B 313 -3.94 17.57 5.51
C ARG B 313 -2.42 17.59 5.51
N TYR B 314 -1.77 16.60 6.12
CA TYR B 314 -0.33 16.65 6.35
C TYR B 314 0.48 15.71 5.48
N TYR B 315 -0.17 14.83 4.72
CA TYR B 315 0.49 13.86 3.87
C TYR B 315 -0.31 13.72 2.59
N SER B 316 0.33 13.94 1.44
CA SER B 316 -0.39 13.97 0.18
C SER B 316 -0.68 12.54 -0.28
N SER B 317 -1.94 12.14 -0.17
CA SER B 317 -2.41 10.87 -0.69
C SER B 317 -3.57 11.19 -1.62
N SER B 318 -4.39 10.20 -1.92
CA SER B 318 -5.46 10.39 -2.89
C SER B 318 -6.52 11.36 -2.34
N TRP B 319 -7.07 12.17 -3.24
CA TRP B 319 -8.26 12.94 -2.91
C TRP B 319 -9.47 12.01 -2.88
N SER B 320 -10.44 12.35 -2.02
CA SER B 320 -11.70 11.64 -2.01
C SER B 320 -12.52 11.99 -3.26
N GLU B 321 -13.62 11.26 -3.44
CA GLU B 321 -14.57 11.62 -4.49
C GLU B 321 -15.27 12.93 -4.12
N TRP B 322 -15.72 13.66 -5.13
CA TRP B 322 -16.47 14.87 -4.87
C TRP B 322 -17.83 14.55 -4.25
N ALA B 323 -18.32 15.45 -3.42
CA ALA B 323 -19.70 15.44 -2.94
C ALA B 323 -20.34 16.75 -3.37
N SER B 324 -21.47 16.66 -4.08
CA SER B 324 -22.08 17.83 -4.71
C SER B 324 -23.47 18.10 -4.16
N VAL B 325 -23.87 19.37 -4.25
CA VAL B 325 -25.24 19.78 -3.94
C VAL B 325 -25.60 20.87 -4.94
N PRO B 326 -26.79 20.84 -5.55
CA PRO B 326 -27.10 21.82 -6.60
C PRO B 326 -27.17 23.24 -6.06
N CYS B 327 -26.78 24.18 -6.90
CA CYS B 327 -26.77 25.59 -6.52
C CYS B 327 -28.19 26.17 -6.57
N SER B 328 -28.36 27.30 -5.88
CA SER B 328 -29.61 28.04 -5.75
C SER B 328 -30.27 27.75 -4.39
#